data_5LYS
#
_entry.id   5LYS
#
_cell.length_a   47.320
_cell.length_b   47.830
_cell.length_c   69.230
_cell.angle_alpha   90.000
_cell.angle_beta   105.540
_cell.angle_gamma   90.000
#
_symmetry.space_group_name_H-M   'P 1 21 1'
#
loop_
_entity.id
_entity.type
_entity.pdbx_description
1 polymer '7SK RNA'
2 non-polymer 'GOLD ION'
3 non-polymer 'MAGNESIUM ION'
4 non-polymer 'SODIUM ION'
5 water water
#
_entity_poly.entity_id   1
_entity_poly.type   'polyribonucleotide'
_entity_poly.pdbx_seq_one_letter_code
;GGGAUCUGUCACCCCAUUGAUCGCCUUCGGGCUGAUCUGGCUGGCUAGGCGGGUCC(CCC)
;
_entity_poly.pdbx_strand_id   A,B
#
loop_
_chem_comp.id
_chem_comp.type
_chem_comp.name
_chem_comp.formula
A RNA linking ADENOSINE-5'-MONOPHOSPHATE 'C10 H14 N5 O7 P'
AU non-polymer 'GOLD ION' 'Au 1'
C RNA linking CYTIDINE-5'-MONOPHOSPHATE 'C9 H14 N3 O8 P'
CCC RNA linking 'CYTIDINE-5'-PHOSPHATE-2',3'-CYCLIC PHOSPHATE' 'C9 H13 N3 O10 P2'
G RNA linking GUANOSINE-5'-MONOPHOSPHATE 'C10 H14 N5 O8 P'
MG non-polymer 'MAGNESIUM ION' 'Mg 2'
NA non-polymer 'SODIUM ION' 'Na 1'
U RNA linking URIDINE-5'-MONOPHOSPHATE 'C9 H13 N2 O9 P'
#
# COMPACT_ATOMS: atom_id res chain seq x y z
PC CCC A 57 -14.59 -24.19 28.45
O1C CCC A 57 -14.33 -24.39 29.92
O2C CCC A 57 -13.68 -24.75 27.38
P CCC A 57 -21.53 -22.63 27.52
OP1 CCC A 57 -22.11 -23.99 27.84
OP2 CCC A 57 -21.92 -21.46 28.39
O5' CCC A 57 -19.91 -22.72 27.47
C5' CCC A 57 -19.23 -23.84 26.88
C4' CCC A 57 -17.74 -23.56 26.69
O4' CCC A 57 -17.52 -22.32 26.02
C3' CCC A 57 -17.01 -23.51 28.02
O3' CCC A 57 -16.11 -24.60 28.15
C2' CCC A 57 -16.16 -22.24 27.97
O2' CCC A 57 -14.80 -22.63 28.13
C1' CCC A 57 -16.40 -21.63 26.59
N1 CCC A 57 -16.59 -20.16 26.69
C2 CCC A 57 -15.47 -19.29 26.53
O2 CCC A 57 -14.32 -19.72 26.32
N3 CCC A 57 -15.65 -17.95 26.64
C4 CCC A 57 -16.89 -17.42 26.86
N4 CCC A 57 -17.05 -16.08 26.95
C5 CCC A 57 -17.98 -18.26 27.03
C6 CCC A 57 -17.81 -19.64 26.94
PC CCC B 57 22.12 19.00 -28.39
O1C CCC B 57 23.00 19.34 -27.19
O2C CCC B 57 22.67 18.26 -29.59
P CCC B 57 17.44 24.20 -28.64
OP1 CCC B 57 18.39 25.27 -29.15
OP2 CCC B 57 16.25 23.85 -29.51
O5' CCC B 57 18.28 22.84 -28.42
C5' CCC B 57 19.46 22.79 -27.62
C4' CCC B 57 19.86 21.36 -27.30
O4' CCC B 57 18.90 20.70 -26.47
C3' CCC B 57 20.05 20.49 -28.55
O3' CCC B 57 21.43 20.37 -28.88
C2' CCC B 57 19.56 19.11 -28.12
O2' CCC B 57 20.74 18.34 -27.87
C1' CCC B 57 18.74 19.32 -26.86
N1 CCC B 57 17.32 18.96 -27.07
C2 CCC B 57 16.85 17.61 -26.94
O2 CCC B 57 17.63 16.67 -26.63
N3 CCC B 57 15.54 17.32 -27.12
C4 CCC B 57 14.65 18.29 -27.45
N4 CCC B 57 13.34 17.99 -27.66
C5 CCC B 57 15.08 19.61 -27.62
C6 CCC B 57 16.42 19.92 -27.41
AU AU C . -10.15 -0.90 -20.48
MG MG D . -11.52 16.68 0.14
AU AU E . -4.04 10.53 19.26
NA NA F . -3.20 9.09 12.16
#